data_2VFS
#
_entry.id   2VFS
#
_cell.length_a   108.961
_cell.length_b   67.078
_cell.length_c   59.814
_cell.angle_alpha   90.00
_cell.angle_beta   94.83
_cell.angle_gamma   90.00
#
_symmetry.space_group_name_H-M   'C 1 2 1'
#
loop_
_entity.id
_entity.type
_entity.pdbx_description
1 polymer 'XYLITOL OXIDASE'
2 non-polymer 'FLAVIN-ADENINE DINUCLEOTIDE'
3 non-polymer Xylitol
4 non-polymer 'CHLORIDE ION'
5 water water
#
_entity_poly.entity_id   1
_entity_poly.type   'polypeptide(L)'
_entity_poly.pdbx_seq_one_letter_code
;ISEFMSDITVTNWAGNITYTAKELLRPHSLDALRALVADSARVRVLGSGHSFNEIAEPGDGGVLLSLAGLPSVVDVDTAA
RTVRVGGGVRYAELARVVHARGLALPNMASLPHISVAGSVATGTHGSGVGNGSLASVVREVELVTADGSTVVIARGDERF
GGAVTSLGALGVVTSLTLDLEPAYEMEQHVFTELPLAGLDPATFETVMAAAYSVSLFTDWRAPGFRQVWLKRRTDRPLDG
FPYAAPAAEKMHPVPGMPAVNCTEQFGVPGPWHERLPHFRAEFTPSSGAELQSEYLMPREHALAALHAMDAIRETLAPVL
QTCEIRTVAADAQWLSPAYGRDTVAAHFTWVEDTAAVLPVVRRLEEALVPFAARPHWGKVFTVPAGELRALYPRLADFGA
LAGALDPAGKFTNAFVRGVLAG
;
_entity_poly.pdbx_strand_id   A
#
# COMPACT_ATOMS: atom_id res chain seq x y z
N THR A 9 16.26 -20.61 -4.09
CA THR A 9 14.87 -20.29 -4.54
C THR A 9 14.31 -19.09 -3.77
N VAL A 10 13.88 -18.04 -4.48
CA VAL A 10 13.29 -16.84 -3.83
C VAL A 10 11.75 -16.80 -4.00
N THR A 11 11.02 -16.67 -2.89
CA THR A 11 9.55 -16.52 -2.98
C THR A 11 9.16 -15.17 -2.38
N ASN A 12 7.96 -14.70 -2.70
CA ASN A 12 7.38 -13.55 -2.02
C ASN A 12 6.88 -13.93 -0.61
N TRP A 13 6.37 -12.95 0.13
CA TRP A 13 5.98 -13.19 1.51
C TRP A 13 4.85 -14.24 1.64
N ALA A 14 3.81 -14.13 0.80
CA ALA A 14 2.67 -15.11 0.82
C ALA A 14 3.07 -16.50 0.29
N GLY A 15 4.20 -16.58 -0.42
CA GLY A 15 4.65 -17.88 -0.98
C GLY A 15 3.96 -18.36 -2.25
N ASN A 16 3.02 -17.56 -2.81
CA ASN A 16 2.35 -17.91 -4.07
C ASN A 16 3.17 -17.60 -5.33
N ILE A 17 4.19 -16.75 -5.18
CA ILE A 17 5.03 -16.35 -6.33
C ILE A 17 6.45 -16.85 -6.04
N THR A 18 6.96 -17.74 -6.92
CA THR A 18 8.38 -18.15 -6.90
C THR A 18 9.14 -17.49 -8.09
N TYR A 19 10.19 -16.71 -7.81
CA TYR A 19 10.87 -15.93 -8.86
C TYR A 19 11.86 -16.79 -9.64
N THR A 20 12.05 -16.45 -10.93
CA THR A 20 13.04 -17.12 -11.82
C THR A 20 14.45 -16.57 -11.56
N ALA A 21 15.22 -17.26 -10.71
CA ALA A 21 16.33 -16.64 -9.95
C ALA A 21 17.76 -16.66 -10.58
N LYS A 22 17.90 -16.17 -11.82
CA LYS A 22 19.21 -16.16 -12.53
C LYS A 22 20.37 -15.82 -11.61
N GLU A 23 20.28 -14.65 -10.99
CA GLU A 23 21.07 -14.31 -9.81
C GLU A 23 20.34 -13.23 -9.00
N LEU A 24 20.43 -13.38 -7.67
CA LEU A 24 20.07 -12.34 -6.69
C LEU A 24 21.34 -11.58 -6.32
N LEU A 25 21.30 -10.27 -6.43
CA LEU A 25 22.46 -9.44 -6.14
C LEU A 25 22.19 -8.55 -4.93
N ARG A 26 23.19 -8.45 -4.04
CA ARG A 26 23.04 -7.77 -2.76
C ARG A 26 24.31 -6.90 -2.51
N PRO A 27 24.49 -5.84 -3.32
CA PRO A 27 25.70 -4.99 -3.20
C PRO A 27 25.87 -4.32 -1.82
N HIS A 28 27.14 -4.13 -1.43
CA HIS A 28 27.42 -3.55 -0.13
C HIS A 28 27.84 -2.08 -0.17
N SER A 29 28.01 -1.54 -1.38
CA SER A 29 28.29 -0.13 -1.58
C SER A 29 27.56 0.43 -2.81
N LEU A 30 27.39 1.75 -2.85
CA LEU A 30 26.78 2.39 -4.01
C LEU A 30 27.67 2.25 -5.24
N ASP A 31 28.99 2.31 -5.03
CA ASP A 31 29.92 2.03 -6.14
C ASP A 31 29.63 0.67 -6.82
N ALA A 32 29.48 -0.37 -6.00
CA ALA A 32 29.22 -1.71 -6.50
C ALA A 32 27.82 -1.74 -7.16
N LEU A 33 26.86 -1.09 -6.52
CA LEU A 33 25.50 -1.08 -7.07
C LEU A 33 25.47 -0.43 -8.46
N ARG A 34 26.09 0.74 -8.59
CA ARG A 34 26.10 1.44 -9.91
C ARG A 34 26.74 0.58 -11.01
N ALA A 35 27.84 -0.09 -10.68
CA ALA A 35 28.58 -0.90 -11.66
C ALA A 35 27.74 -2.12 -12.05
N LEU A 36 27.09 -2.74 -11.05
CA LEU A 36 26.21 -3.88 -11.32
CA LEU A 36 26.18 -3.86 -11.26
C LEU A 36 25.01 -3.52 -12.21
N VAL A 37 24.39 -2.37 -11.97
CA VAL A 37 23.25 -1.95 -12.80
C VAL A 37 23.71 -1.66 -14.24
N ALA A 38 24.81 -0.92 -14.35
CA ALA A 38 25.30 -0.54 -15.68
C ALA A 38 25.64 -1.79 -16.52
N ASP A 39 26.21 -2.81 -15.86
CA ASP A 39 26.69 -4.07 -16.47
C ASP A 39 25.59 -5.15 -16.70
N SER A 40 24.36 -4.92 -16.20
CA SER A 40 23.28 -5.91 -16.29
C SER A 40 22.29 -5.47 -17.36
N ALA A 41 21.75 -6.41 -18.15
CA ALA A 41 20.85 -5.99 -19.24
C ALA A 41 19.41 -5.75 -18.80
N ARG A 42 18.97 -6.49 -17.78
CA ARG A 42 17.61 -6.38 -17.24
C ARG A 42 17.71 -6.53 -15.72
N VAL A 43 16.99 -5.66 -15.00
CA VAL A 43 17.07 -5.59 -13.52
C VAL A 43 15.63 -5.34 -13.00
N ARG A 44 15.23 -6.08 -11.96
CA ARG A 44 14.10 -5.65 -11.11
C ARG A 44 14.57 -5.67 -9.67
N VAL A 45 14.15 -4.66 -8.92
CA VAL A 45 14.47 -4.58 -7.49
C VAL A 45 13.53 -5.45 -6.63
N LEU A 46 14.08 -6.20 -5.68
CA LEU A 46 13.25 -6.87 -4.69
C LEU A 46 13.28 -6.08 -3.41
N GLY A 47 12.11 -5.74 -2.89
CA GLY A 47 11.97 -5.06 -1.61
C GLY A 47 11.73 -6.13 -0.56
N SER A 48 10.65 -5.97 0.20
CA SER A 48 10.30 -6.91 1.26
C SER A 48 9.32 -8.04 0.81
N GLY A 49 9.05 -8.15 -0.51
CA GLY A 49 8.22 -9.24 -1.05
C GLY A 49 6.74 -9.24 -0.64
N HIS A 50 6.24 -8.05 -0.23
CA HIS A 50 4.83 -7.95 0.15
C HIS A 50 3.88 -7.59 -1.04
N SER A 51 4.27 -7.94 -2.25
CA SER A 51 3.32 -7.94 -3.38
C SER A 51 2.82 -9.39 -3.61
N PHE A 52 1.72 -9.56 -4.32
CA PHE A 52 1.06 -10.87 -4.49
C PHE A 52 0.99 -11.36 -5.94
N ASN A 53 1.74 -10.70 -6.82
CA ASN A 53 1.73 -10.98 -8.26
C ASN A 53 3.17 -10.95 -8.79
N GLU A 54 3.33 -10.91 -10.09
CA GLU A 54 4.67 -11.05 -10.72
C GLU A 54 5.39 -9.71 -10.89
N ILE A 55 4.95 -8.66 -10.16
CA ILE A 55 5.58 -7.35 -10.32
C ILE A 55 7.11 -7.34 -10.11
N ALA A 56 7.62 -8.13 -9.16
CA ALA A 56 9.09 -8.13 -8.87
C ALA A 56 9.91 -9.18 -9.66
N GLU A 57 9.19 -9.97 -10.47
CA GLU A 57 9.85 -11.07 -11.22
C GLU A 57 10.79 -10.48 -12.32
N PRO A 58 12.07 -10.89 -12.34
CA PRO A 58 12.93 -10.35 -13.39
C PRO A 58 12.65 -10.97 -14.75
N GLY A 59 12.23 -12.24 -14.75
CA GLY A 59 12.27 -13.18 -15.90
C GLY A 59 13.68 -13.76 -16.10
N ASP A 60 13.76 -14.88 -16.83
CA ASP A 60 15.04 -15.47 -17.26
C ASP A 60 15.92 -14.41 -17.99
N GLY A 61 17.21 -14.47 -17.73
CA GLY A 61 18.10 -13.46 -18.26
C GLY A 61 18.28 -12.34 -17.28
N GLY A 62 17.18 -11.91 -16.64
CA GLY A 62 17.24 -10.76 -15.73
C GLY A 62 17.79 -11.07 -14.35
N VAL A 63 18.34 -10.03 -13.73
CA VAL A 63 18.85 -10.00 -12.35
C VAL A 63 17.78 -9.51 -11.38
N LEU A 64 17.75 -10.12 -10.19
CA LEU A 64 16.95 -9.60 -9.04
C LEU A 64 17.92 -8.91 -8.11
N LEU A 65 17.69 -7.62 -7.82
CA LEU A 65 18.61 -6.80 -7.05
C LEU A 65 17.98 -6.40 -5.71
N SER A 66 18.70 -6.64 -4.61
CA SER A 66 18.19 -6.24 -3.29
C SER A 66 19.06 -5.12 -2.70
N LEU A 67 18.46 -4.24 -1.88
CA LEU A 67 19.23 -3.22 -1.14
C LEU A 67 19.60 -3.63 0.30
N ALA A 68 19.30 -4.87 0.66
CA ALA A 68 19.54 -5.36 2.04
C ALA A 68 21.01 -5.33 2.49
N GLY A 69 21.92 -5.34 1.54
CA GLY A 69 23.34 -5.30 1.87
C GLY A 69 23.91 -3.90 2.08
N LEU A 70 23.14 -2.86 1.73
CA LEU A 70 23.59 -1.47 1.93
C LEU A 70 23.33 -0.97 3.36
N PRO A 71 24.11 0.03 3.84
CA PRO A 71 23.85 0.59 5.17
C PRO A 71 22.41 1.13 5.24
N SER A 72 21.69 0.86 6.31
CA SER A 72 20.28 1.26 6.32
C SER A 72 20.07 2.67 6.91
N VAL A 73 20.36 3.71 6.11
CA VAL A 73 20.36 5.11 6.56
C VAL A 73 18.97 5.64 6.96
N VAL A 74 18.93 6.29 8.12
CA VAL A 74 17.72 7.00 8.58
C VAL A 74 18.22 8.32 9.23
N ASP A 75 18.16 9.40 8.47
CA ASP A 75 18.81 10.70 8.82
C ASP A 75 17.73 11.74 9.06
N VAL A 76 17.37 11.94 10.33
CA VAL A 76 16.34 12.93 10.70
C VAL A 76 16.94 14.34 10.84
N ASP A 77 16.43 15.31 10.06
CA ASP A 77 16.78 16.74 10.20
C ASP A 77 15.64 17.42 11.00
N THR A 78 15.83 17.51 12.31
CA THR A 78 14.78 18.00 13.21
C THR A 78 14.40 19.47 12.93
N ALA A 79 15.37 20.29 12.52
CA ALA A 79 15.11 21.70 12.18
C ALA A 79 14.17 21.79 10.98
N ALA A 80 14.49 21.02 9.94
CA ALA A 80 13.73 21.01 8.69
C ALA A 80 12.45 20.13 8.74
N ARG A 81 12.33 19.31 9.78
CA ARG A 81 11.25 18.28 9.88
C ARG A 81 11.21 17.40 8.63
N THR A 82 12.37 16.84 8.28
CA THR A 82 12.45 15.86 7.18
C THR A 82 13.27 14.66 7.65
N VAL A 83 13.11 13.51 6.97
CA VAL A 83 13.98 12.35 7.18
C VAL A 83 14.43 11.76 5.82
N ARG A 84 15.72 11.47 5.70
CA ARG A 84 16.27 10.86 4.51
C ARG A 84 16.46 9.38 4.83
N VAL A 85 15.87 8.53 4.00
CA VAL A 85 15.82 7.09 4.30
C VAL A 85 16.31 6.25 3.12
N GLY A 86 17.11 5.22 3.41
CA GLY A 86 17.61 4.32 2.36
C GLY A 86 16.45 3.51 1.73
N GLY A 87 16.67 3.08 0.49
CA GLY A 87 15.68 2.34 -0.32
C GLY A 87 15.15 1.04 0.32
N GLY A 88 15.99 0.37 1.10
CA GLY A 88 15.59 -0.91 1.77
C GLY A 88 15.09 -0.82 3.22
N VAL A 89 15.13 0.39 3.80
CA VAL A 89 14.64 0.59 5.18
C VAL A 89 13.13 0.29 5.24
N ARG A 90 12.71 -0.40 6.29
CA ARG A 90 11.28 -0.70 6.50
C ARG A 90 10.62 0.33 7.45
N TYR A 91 9.30 0.45 7.34
CA TYR A 91 8.56 1.43 8.17
C TYR A 91 8.72 1.26 9.69
N ALA A 92 8.81 0.01 10.17
CA ALA A 92 8.91 -0.21 11.64
C ALA A 92 10.16 0.52 12.21
N GLU A 93 11.29 0.35 11.52
CA GLU A 93 12.55 1.02 11.89
C GLU A 93 12.49 2.54 11.70
N LEU A 94 12.03 2.97 10.53
CA LEU A 94 11.85 4.41 10.29
C LEU A 94 11.04 5.09 11.41
N ALA A 95 9.93 4.47 11.79
CA ALA A 95 9.02 5.11 12.73
C ALA A 95 9.66 5.23 14.11
N ARG A 96 10.34 4.17 14.55
CA ARG A 96 11.04 4.19 15.86
C ARG A 96 12.05 5.36 15.91
N VAL A 97 12.81 5.52 14.84
CA VAL A 97 13.85 6.57 14.81
C VAL A 97 13.23 7.98 14.81
N VAL A 98 12.24 8.22 13.95
CA VAL A 98 11.61 9.55 13.92
C VAL A 98 10.88 9.86 15.27
N HIS A 99 10.21 8.87 15.85
CA HIS A 99 9.55 9.10 17.15
C HIS A 99 10.53 9.54 18.25
N ALA A 100 11.70 8.89 18.28
CA ALA A 100 12.72 9.22 19.27
C ALA A 100 13.23 10.66 19.14
N ARG A 101 13.04 11.28 17.97
CA ARG A 101 13.43 12.69 17.73
C ARG A 101 12.25 13.66 17.93
N GLY A 102 11.14 13.12 18.43
CA GLY A 102 9.91 13.89 18.69
C GLY A 102 9.10 14.24 17.44
N LEU A 103 9.27 13.43 16.38
CA LEU A 103 8.55 13.66 15.12
C LEU A 103 7.73 12.44 14.68
N ALA A 104 7.02 12.57 13.56
CA ALA A 104 6.07 11.52 13.17
C ALA A 104 5.69 11.61 11.71
N LEU A 105 5.22 10.48 11.17
CA LEU A 105 4.57 10.44 9.81
C LEU A 105 3.06 10.68 9.95
N PRO A 106 2.41 11.20 8.89
CA PRO A 106 0.94 11.33 8.95
C PRO A 106 0.16 10.01 8.80
N ASN A 107 0.81 8.95 8.33
CA ASN A 107 0.06 7.69 8.17
C ASN A 107 1.02 6.50 8.01
N MET A 108 0.46 5.30 8.14
CA MET A 108 1.20 4.03 8.01
C MET A 108 0.22 2.97 7.44
N ALA A 109 0.79 1.95 6.80
CA ALA A 109 0.01 0.73 6.37
C ALA A 109 -0.42 -0.17 7.55
N SER A 110 -1.14 -1.28 7.26
CA SER A 110 -1.64 -2.09 8.36
C SER A 110 -0.52 -2.80 9.16
N LEU A 111 0.59 -3.13 8.46
CA LEU A 111 1.72 -3.92 9.06
C LEU A 111 3.00 -3.15 8.73
N PRO A 112 3.82 -2.85 9.77
CA PRO A 112 4.96 -1.92 9.58
C PRO A 112 6.26 -2.52 8.91
N HIS A 113 6.31 -3.83 8.79
CA HIS A 113 7.53 -4.51 8.36
C HIS A 113 7.61 -4.61 6.83
N ILE A 114 7.47 -3.43 6.18
CA ILE A 114 7.48 -3.41 4.71
C ILE A 114 8.39 -2.26 4.23
N SER A 115 9.15 -2.51 3.16
CA SER A 115 10.11 -1.51 2.67
C SER A 115 9.44 -0.17 2.31
N VAL A 116 10.06 0.96 2.65
CA VAL A 116 9.52 2.27 2.23
C VAL A 116 9.48 2.43 0.70
N ALA A 117 10.58 2.14 0.01
CA ALA A 117 10.59 2.27 -1.47
C ALA A 117 9.56 1.34 -2.13
N GLY A 118 9.46 0.11 -1.65
CA GLY A 118 8.52 -0.81 -2.28
C GLY A 118 7.09 -0.41 -1.99
N SER A 119 6.86 0.15 -0.78
CA SER A 119 5.50 0.62 -0.41
C SER A 119 5.02 1.69 -1.35
N VAL A 120 5.83 2.73 -1.52
CA VAL A 120 5.36 3.85 -2.35
C VAL A 120 5.31 3.52 -3.86
N ALA A 121 6.10 2.52 -4.27
CA ALA A 121 6.17 2.12 -5.68
C ALA A 121 4.80 1.70 -6.30
N THR A 122 3.89 1.20 -5.44
CA THR A 122 2.63 0.54 -5.90
C THR A 122 1.35 1.28 -5.47
N GLY A 123 1.49 2.33 -4.67
CA GLY A 123 0.32 3.09 -4.21
C GLY A 123 -0.20 2.73 -2.82
N THR A 124 0.70 2.21 -1.98
CA THR A 124 0.32 1.85 -0.59
C THR A 124 -0.27 3.06 0.14
N HIS A 125 -1.27 2.78 0.96
CA HIS A 125 -2.03 3.79 1.73
C HIS A 125 -2.55 3.20 3.06
N GLY A 126 -2.92 4.09 3.99
CA GLY A 126 -3.72 3.74 5.16
C GLY A 126 -5.14 4.25 4.97
N SER A 127 -5.71 4.81 6.04
CA SER A 127 -7.08 5.40 5.91
C SER A 127 -7.14 6.84 6.47
N GLY A 128 -8.28 7.50 6.24
CA GLY A 128 -8.55 8.88 6.76
C GLY A 128 -8.89 9.83 5.61
N VAL A 129 -10.00 10.58 5.72
CA VAL A 129 -10.52 11.29 4.52
C VAL A 129 -9.59 12.44 4.00
N GLY A 130 -8.77 12.98 4.90
CA GLY A 130 -7.86 14.05 4.56
C GLY A 130 -6.43 13.56 4.46
N ASN A 131 -6.23 12.24 4.61
CA ASN A 131 -4.90 11.65 4.59
C ASN A 131 -4.53 11.11 3.21
N GLY A 132 -3.42 11.62 2.68
CA GLY A 132 -2.93 11.12 1.40
C GLY A 132 -2.26 9.75 1.53
N SER A 133 -1.94 9.17 0.37
CA SER A 133 -1.23 7.89 0.29
C SER A 133 0.17 7.98 0.99
N LEU A 134 0.83 6.84 1.18
CA LEU A 134 2.17 6.91 1.78
C LEU A 134 3.13 7.71 0.87
N ALA A 135 2.91 7.64 -0.45
CA ALA A 135 3.76 8.37 -1.40
C ALA A 135 3.65 9.87 -1.22
N SER A 136 2.53 10.35 -0.66
CA SER A 136 2.27 11.82 -0.66
C SER A 136 3.25 12.66 0.18
N VAL A 137 3.99 12.00 1.09
CA VAL A 137 4.91 12.70 2.01
C VAL A 137 6.33 12.75 1.41
N VAL A 138 6.53 12.04 0.30
CA VAL A 138 7.88 12.02 -0.30
C VAL A 138 8.14 13.36 -0.99
N ARG A 139 9.27 13.99 -0.68
CA ARG A 139 9.61 15.29 -1.29
C ARG A 139 10.74 15.20 -2.32
N GLU A 140 11.48 14.08 -2.26
CA GLU A 140 12.60 13.85 -3.19
C GLU A 140 12.90 12.34 -3.33
N VAL A 141 13.22 11.91 -4.56
CA VAL A 141 13.77 10.54 -4.77
C VAL A 141 15.13 10.61 -5.45
N GLU A 142 16.04 9.72 -5.05
CA GLU A 142 17.33 9.63 -5.69
C GLU A 142 17.35 8.27 -6.41
N LEU A 143 17.56 8.29 -7.74
CA LEU A 143 17.49 7.08 -8.58
C LEU A 143 18.84 6.71 -9.21
N VAL A 144 19.25 5.45 -9.13
CA VAL A 144 20.34 4.98 -10.01
C VAL A 144 19.68 4.48 -11.29
N THR A 145 19.99 5.16 -12.39
CA THR A 145 19.39 4.86 -13.71
C THR A 145 20.14 3.75 -14.48
N ALA A 146 19.61 3.37 -15.66
CA ALA A 146 20.14 2.21 -16.41
C ALA A 146 21.65 2.25 -16.72
N ASP A 147 22.20 3.45 -16.94
CA ASP A 147 23.63 3.53 -17.27
C ASP A 147 24.53 3.67 -16.04
N GLY A 148 23.93 3.57 -14.86
CA GLY A 148 24.64 3.72 -13.60
C GLY A 148 24.79 5.15 -13.05
N SER A 149 24.28 6.16 -13.76
CA SER A 149 24.32 7.54 -13.24
C SER A 149 23.16 7.81 -12.25
N THR A 150 23.36 8.76 -11.35
CA THR A 150 22.32 9.13 -10.37
C THR A 150 21.48 10.31 -10.90
N VAL A 151 20.16 10.24 -10.69
CA VAL A 151 19.24 11.33 -11.07
C VAL A 151 18.42 11.62 -9.80
N VAL A 152 18.35 12.90 -9.43
CA VAL A 152 17.58 13.32 -8.25
C VAL A 152 16.36 14.08 -8.76
N ILE A 153 15.15 13.68 -8.32
CA ILE A 153 13.91 14.33 -8.76
C ILE A 153 13.13 14.74 -7.52
N ALA A 154 12.75 16.02 -7.46
CA ALA A 154 12.14 16.58 -6.30
C ALA A 154 10.81 17.27 -6.59
N ARG A 155 10.02 17.51 -5.55
CA ARG A 155 8.72 18.18 -5.69
C ARG A 155 8.95 19.49 -6.45
N GLY A 156 8.12 19.78 -7.45
CA GLY A 156 8.34 20.95 -8.31
C GLY A 156 8.88 20.62 -9.69
N ASP A 157 9.72 19.58 -9.80
CA ASP A 157 10.20 19.09 -11.10
C ASP A 157 9.00 18.60 -11.90
N GLU A 158 9.01 18.90 -13.21
CA GLU A 158 7.95 18.43 -14.10
C GLU A 158 7.74 16.91 -14.08
N ARG A 159 8.81 16.17 -13.81
CA ARG A 159 8.81 14.71 -13.86
C ARG A 159 8.31 14.07 -12.56
N PHE A 160 8.18 14.88 -11.51
CA PHE A 160 8.00 14.33 -10.13
C PHE A 160 6.73 13.51 -9.97
N GLY A 161 5.66 13.90 -10.69
CA GLY A 161 4.40 13.13 -10.63
C GLY A 161 4.50 11.67 -11.06
N GLY A 162 5.57 11.34 -11.82
CA GLY A 162 5.83 9.94 -12.27
C GLY A 162 6.94 9.22 -11.50
N ALA A 163 7.55 9.91 -10.54
CA ALA A 163 8.85 9.47 -9.98
C ALA A 163 8.78 8.64 -8.70
N VAL A 164 7.62 8.67 -8.01
CA VAL A 164 7.54 8.08 -6.66
C VAL A 164 6.79 6.74 -6.75
N THR A 165 5.57 6.80 -7.26
CA THR A 165 4.81 5.59 -7.52
C THR A 165 5.09 5.15 -8.97
N SER A 166 6.21 4.46 -9.11
CA SER A 166 6.74 4.13 -10.45
C SER A 166 6.87 2.63 -10.82
N LEU A 167 6.33 1.71 -9.99
CA LEU A 167 6.40 0.26 -10.26
C LEU A 167 7.88 -0.21 -10.41
N GLY A 168 8.80 0.56 -9.80
CA GLY A 168 10.23 0.28 -9.92
C GLY A 168 10.76 0.32 -11.37
N ALA A 169 10.04 1.00 -12.29
CA ALA A 169 10.37 0.91 -13.72
C ALA A 169 11.27 2.05 -14.25
N LEU A 170 11.74 2.92 -13.35
CA LEU A 170 12.64 4.06 -13.76
C LEU A 170 14.12 3.87 -13.38
N GLY A 171 14.39 2.89 -12.53
CA GLY A 171 15.70 2.72 -11.90
C GLY A 171 15.57 2.32 -10.44
N VAL A 172 16.73 2.23 -9.80
CA VAL A 172 16.83 1.81 -8.41
C VAL A 172 16.71 3.02 -7.47
N VAL A 173 15.68 3.03 -6.65
CA VAL A 173 15.55 4.13 -5.68
C VAL A 173 16.48 3.88 -4.48
N THR A 174 17.59 4.62 -4.38
CA THR A 174 18.59 4.35 -3.31
C THR A 174 18.30 5.16 -2.03
N SER A 175 17.64 6.31 -2.19
CA SER A 175 17.15 7.05 -1.02
C SER A 175 15.90 7.88 -1.36
N LEU A 176 15.15 8.21 -0.30
CA LEU A 176 13.95 9.05 -0.40
C LEU A 176 13.99 10.02 0.78
N THR A 177 13.46 11.21 0.56
CA THR A 177 13.32 12.17 1.65
C THR A 177 11.82 12.41 1.93
N LEU A 178 11.43 12.33 3.20
CA LEU A 178 10.01 12.40 3.60
C LEU A 178 9.74 13.58 4.52
N ASP A 179 8.57 14.21 4.36
CA ASP A 179 8.13 15.28 5.27
C ASP A 179 7.58 14.72 6.59
N LEU A 180 7.88 15.39 7.71
CA LEU A 180 7.45 15.00 9.04
C LEU A 180 6.64 16.06 9.81
N GLU A 181 5.92 15.61 10.83
CA GLU A 181 5.21 16.51 11.74
C GLU A 181 5.56 16.24 13.21
N PRO A 182 5.20 17.18 14.12
CA PRO A 182 5.50 16.84 15.51
C PRO A 182 4.83 15.53 15.99
N ALA A 183 5.53 14.77 16.83
CA ALA A 183 4.99 13.50 17.35
C ALA A 183 3.62 13.71 18.00
N TYR A 184 2.71 12.76 17.79
CA TYR A 184 1.37 12.84 18.38
C TYR A 184 0.92 11.50 18.98
N GLU A 185 -0.05 11.59 19.89
CA GLU A 185 -0.61 10.45 20.57
C GLU A 185 -1.95 10.05 19.94
N MET A 186 -2.33 8.78 20.07
CA MET A 186 -3.60 8.27 19.53
C MET A 186 -4.28 7.25 20.45
N GLU A 187 -5.61 7.13 20.30
CA GLU A 187 -6.40 6.09 20.93
C GLU A 187 -7.16 5.33 19.86
N GLN A 188 -7.29 4.02 20.05
CA GLN A 188 -8.02 3.17 19.11
C GLN A 188 -9.30 2.61 19.80
N HIS A 189 -10.46 2.94 19.22
CA HIS A 189 -11.78 2.53 19.74
C HIS A 189 -12.43 1.64 18.70
N VAL A 190 -12.75 0.41 19.09
CA VAL A 190 -13.40 -0.57 18.18
C VAL A 190 -14.88 -0.77 18.53
N PHE A 191 -15.70 -0.93 17.48
CA PHE A 191 -17.16 -1.12 17.61
C PHE A 191 -17.58 -2.32 16.77
N THR A 192 -18.71 -2.94 17.11
CA THR A 192 -19.17 -4.11 16.31
C THR A 192 -20.59 -3.90 15.75
N GLU A 193 -20.85 -4.53 14.61
CA GLU A 193 -22.18 -4.59 13.99
C GLU A 193 -22.72 -3.24 13.54
N LEU A 194 -22.12 -2.70 12.49
CA LEU A 194 -22.65 -1.52 11.81
C LEU A 194 -23.50 -2.01 10.64
N PRO A 195 -24.81 -1.67 10.64
CA PRO A 195 -25.65 -2.20 9.55
C PRO A 195 -25.31 -1.51 8.21
N LEU A 196 -25.49 -2.22 7.10
CA LEU A 196 -25.48 -1.59 5.77
C LEU A 196 -26.88 -1.02 5.46
N ALA A 197 -27.92 -1.75 5.87
CA ALA A 197 -29.32 -1.27 5.68
C ALA A 197 -29.53 0.12 6.30
N GLY A 198 -30.03 1.05 5.51
CA GLY A 198 -30.28 2.40 6.03
C GLY A 198 -29.07 3.32 6.08
N LEU A 199 -27.88 2.79 5.78
CA LEU A 199 -26.70 3.65 5.60
C LEU A 199 -26.91 4.52 4.35
N ASP A 200 -26.89 5.83 4.53
CA ASP A 200 -26.91 6.75 3.38
C ASP A 200 -25.52 7.39 3.14
N PRO A 201 -25.33 8.08 1.98
CA PRO A 201 -24.03 8.70 1.72
C PRO A 201 -23.53 9.62 2.86
N ALA A 202 -24.43 10.39 3.47
CA ALA A 202 -24.06 11.36 4.51
C ALA A 202 -23.54 10.65 5.77
N THR A 203 -24.27 9.64 6.21
CA THR A 203 -23.89 8.81 7.37
C THR A 203 -22.61 8.01 7.09
N PHE A 204 -22.47 7.52 5.86
CA PHE A 204 -21.19 6.89 5.47
C PHE A 204 -19.99 7.85 5.65
N GLU A 205 -20.12 9.06 5.12
CA GLU A 205 -19.05 10.07 5.28
C GLU A 205 -18.86 10.43 6.75
N THR A 206 -19.96 10.58 7.48
CA THR A 206 -19.83 10.88 8.92
C THR A 206 -19.01 9.79 9.64
N VAL A 207 -19.34 8.53 9.38
CA VAL A 207 -18.63 7.38 10.01
C VAL A 207 -17.15 7.37 9.61
N MET A 208 -16.88 7.47 8.32
CA MET A 208 -15.46 7.48 7.84
C MET A 208 -14.66 8.70 8.30
N ALA A 209 -15.34 9.81 8.60
CA ALA A 209 -14.68 11.03 9.12
C ALA A 209 -14.67 11.15 10.67
N ALA A 210 -15.14 10.11 11.37
CA ALA A 210 -15.37 10.22 12.83
C ALA A 210 -14.06 10.24 13.66
N ALA A 211 -12.96 9.83 13.04
CA ALA A 211 -11.64 9.89 13.66
C ALA A 211 -10.59 10.08 12.56
N TYR A 212 -9.35 10.35 12.98
CA TYR A 212 -8.25 10.61 12.05
C TYR A 212 -8.13 9.55 10.93
N SER A 213 -8.23 8.26 11.33
CA SER A 213 -8.23 7.13 10.40
C SER A 213 -9.33 6.16 10.82
N VAL A 214 -10.18 5.77 9.87
CA VAL A 214 -11.27 4.81 10.16
C VAL A 214 -11.27 3.66 9.16
N SER A 215 -11.42 2.41 9.66
CA SER A 215 -11.60 1.22 8.79
C SER A 215 -12.92 0.52 9.14
N LEU A 216 -13.62 0.01 8.13
CA LEU A 216 -14.71 -0.98 8.34
C LEU A 216 -14.17 -2.37 7.99
N PHE A 217 -14.63 -3.40 8.71
CA PHE A 217 -14.35 -4.79 8.32
C PHE A 217 -15.62 -5.59 8.22
N THR A 218 -15.68 -6.46 7.22
CA THR A 218 -16.76 -7.47 7.18
C THR A 218 -16.33 -8.82 6.63
N ASP A 219 -17.10 -9.88 6.95
CA ASP A 219 -16.85 -11.22 6.39
C ASP A 219 -17.80 -11.53 5.21
N TRP A 220 -18.68 -10.57 4.89
CA TRP A 220 -19.69 -10.70 3.81
C TRP A 220 -20.58 -11.95 4.02
N ARG A 221 -20.81 -12.28 5.30
CA ARG A 221 -21.71 -13.38 5.68
C ARG A 221 -23.07 -12.78 6.11
N ALA A 222 -23.28 -12.58 7.41
CA ALA A 222 -24.46 -11.86 7.87
C ALA A 222 -24.46 -10.44 7.26
N PRO A 223 -25.65 -9.91 6.92
CA PRO A 223 -25.69 -8.55 6.35
C PRO A 223 -24.95 -7.52 7.25
N GLY A 224 -24.31 -6.54 6.61
CA GLY A 224 -23.67 -5.43 7.33
C GLY A 224 -22.18 -5.63 7.61
N PHE A 225 -21.64 -4.77 8.48
CA PHE A 225 -20.19 -4.78 8.84
C PHE A 225 -19.96 -5.35 10.23
N ARG A 226 -18.98 -6.25 10.33
CA ARG A 226 -18.62 -6.87 11.60
C ARG A 226 -17.97 -5.94 12.62
N GLN A 227 -17.10 -5.04 12.14
CA GLN A 227 -16.30 -4.15 13.00
C GLN A 227 -16.08 -2.78 12.38
N VAL A 228 -15.89 -1.80 13.26
CA VAL A 228 -15.48 -0.40 12.93
C VAL A 228 -14.30 -0.05 13.82
N TRP A 229 -13.17 0.36 13.23
CA TRP A 229 -11.99 0.75 14.02
C TRP A 229 -11.79 2.27 13.89
N LEU A 230 -11.85 3.00 15.00
CA LEU A 230 -11.61 4.45 15.00
C LEU A 230 -10.22 4.68 15.61
N LYS A 231 -9.30 5.23 14.81
CA LYS A 231 -7.99 5.60 15.30
C LYS A 231 -7.99 7.13 15.46
N ARG A 232 -8.11 7.56 16.73
CA ARG A 232 -8.30 8.98 17.03
C ARG A 232 -7.04 9.68 17.54
N ARG A 233 -6.76 10.89 17.06
CA ARG A 233 -5.63 11.69 17.63
C ARG A 233 -6.10 12.32 18.98
N THR A 234 -5.32 12.16 20.04
CA THR A 234 -5.73 12.74 21.34
C THR A 234 -5.77 14.31 21.33
N ASP A 235 -5.08 14.93 20.38
CA ASP A 235 -5.11 16.40 20.19
C ASP A 235 -6.27 16.88 19.29
N ARG A 236 -7.27 16.03 19.08
CA ARG A 236 -8.48 16.36 18.31
C ARG A 236 -9.72 15.83 19.05
N PRO A 237 -10.89 16.48 18.85
CA PRO A 237 -12.08 16.04 19.58
C PRO A 237 -12.67 14.70 19.07
N LEU A 238 -13.19 13.89 19.98
CA LEU A 238 -13.92 12.67 19.59
C LEU A 238 -15.38 12.81 20.00
N ASP A 239 -16.28 12.73 19.04
CA ASP A 239 -17.71 12.78 19.35
C ASP A 239 -18.22 11.39 19.68
N GLY A 240 -19.36 11.33 20.37
CA GLY A 240 -20.04 10.05 20.61
C GLY A 240 -20.20 9.35 19.28
N PHE A 241 -20.05 8.02 19.29
CA PHE A 241 -20.25 7.20 18.10
C PHE A 241 -21.49 6.32 18.26
N PRO A 242 -22.67 6.86 17.91
CA PRO A 242 -23.91 6.12 18.18
C PRO A 242 -24.21 4.94 17.23
N TYR A 243 -23.43 4.78 16.17
CA TYR A 243 -23.83 3.94 15.04
C TYR A 243 -23.63 2.43 15.23
N ALA A 244 -22.85 2.04 16.23
CA ALA A 244 -22.48 0.63 16.47
C ALA A 244 -22.10 0.43 17.94
N ALA A 245 -22.16 -0.82 18.42
CA ALA A 245 -21.90 -1.07 19.85
C ALA A 245 -20.39 -1.11 20.18
N PRO A 246 -19.98 -0.59 21.36
CA PRO A 246 -18.54 -0.68 21.71
C PRO A 246 -18.11 -2.14 21.87
N ALA A 247 -16.92 -2.48 21.37
CA ALA A 247 -16.39 -3.83 21.50
C ALA A 247 -16.22 -4.15 22.98
N ALA A 248 -16.59 -5.36 23.36
CA ALA A 248 -16.39 -5.85 24.73
C ALA A 248 -15.02 -6.53 24.90
N GLU A 249 -14.43 -6.94 23.78
CA GLU A 249 -13.16 -7.67 23.77
C GLU A 249 -12.18 -7.08 22.75
N LYS A 250 -10.89 -7.41 22.92
CA LYS A 250 -9.88 -7.09 21.88
C LYS A 250 -10.16 -7.90 20.61
N MET A 251 -10.13 -7.21 19.46
CA MET A 251 -10.56 -7.77 18.18
C MET A 251 -9.38 -7.93 17.22
N HIS A 252 -9.49 -8.94 16.35
CA HIS A 252 -8.60 -9.08 15.19
C HIS A 252 -9.45 -8.78 13.94
N PRO A 253 -8.87 -8.07 12.93
CA PRO A 253 -9.58 -7.85 11.64
C PRO A 253 -10.15 -9.14 11.04
N VAL A 254 -9.41 -10.25 11.20
CA VAL A 254 -9.82 -11.54 10.66
C VAL A 254 -10.40 -12.42 11.77
N PRO A 255 -11.73 -12.70 11.70
CA PRO A 255 -12.39 -13.49 12.76
C PRO A 255 -11.68 -14.82 13.00
N GLY A 256 -11.39 -15.13 14.28
CA GLY A 256 -10.75 -16.42 14.62
C GLY A 256 -9.23 -16.42 14.67
N MET A 257 -8.63 -15.27 14.40
CA MET A 257 -7.16 -15.11 14.48
C MET A 257 -6.75 -14.47 15.81
N PRO A 258 -5.48 -14.63 16.23
CA PRO A 258 -5.12 -14.19 17.59
C PRO A 258 -5.03 -12.67 17.81
N ALA A 259 -5.94 -12.14 18.61
CA ALA A 259 -5.98 -10.69 18.89
C ALA A 259 -4.71 -10.17 19.61
N VAL A 260 -3.92 -11.08 20.20
CA VAL A 260 -2.64 -10.68 20.78
C VAL A 260 -1.70 -9.98 19.77
N ASN A 261 -1.81 -10.39 18.49
CA ASN A 261 -0.99 -9.82 17.40
C ASN A 261 -1.31 -8.34 17.06
N CYS A 262 -2.43 -7.85 17.55
CA CYS A 262 -2.92 -6.51 17.13
C CYS A 262 -2.57 -5.36 18.08
N THR A 263 -2.57 -4.14 17.55
CA THR A 263 -2.27 -2.92 18.31
C THR A 263 -3.36 -2.68 19.38
N GLU A 264 -2.99 -1.95 20.43
CA GLU A 264 -3.87 -1.81 21.62
C GLU A 264 -5.16 -1.06 21.34
N GLN A 265 -6.26 -1.57 21.93
CA GLN A 265 -7.59 -1.00 21.73
C GLN A 265 -8.16 -0.42 23.04
N PHE A 266 -9.49 -0.37 23.16
CA PHE A 266 -10.19 0.17 24.36
C PHE A 266 -9.82 1.63 24.71
N GLY A 267 -9.45 2.42 23.70
CA GLY A 267 -9.19 3.85 23.90
C GLY A 267 -7.93 4.20 24.70
N VAL A 268 -7.04 3.23 24.90
CA VAL A 268 -5.79 3.51 25.66
C VAL A 268 -4.81 4.33 24.81
N PRO A 269 -4.44 5.55 25.28
CA PRO A 269 -3.51 6.44 24.53
C PRO A 269 -2.11 5.83 24.37
N GLY A 270 -1.51 6.02 23.19
CA GLY A 270 -0.17 5.57 22.89
C GLY A 270 0.39 6.35 21.70
N PRO A 271 1.69 6.17 21.39
CA PRO A 271 2.26 6.94 20.26
C PRO A 271 1.64 6.54 18.90
N TRP A 272 1.54 7.52 18.01
CA TRP A 272 1.09 7.33 16.60
C TRP A 272 1.52 5.97 15.96
N HIS A 273 2.79 5.64 16.11
CA HIS A 273 3.34 4.49 15.35
C HIS A 273 2.98 3.15 15.97
N GLU A 274 2.38 3.20 17.17
CA GLU A 274 1.84 2.02 17.84
C GLU A 274 0.32 1.97 17.77
N ARG A 275 -0.25 2.89 16.97
CA ARG A 275 -1.71 2.98 16.82
C ARG A 275 -2.19 2.99 15.35
N LEU A 276 -1.38 3.54 14.44
CA LEU A 276 -1.78 3.59 13.02
C LEU A 276 -1.81 2.18 12.40
N PRO A 277 -0.77 1.33 12.61
CA PRO A 277 -0.88 -0.07 12.08
C PRO A 277 -1.97 -0.84 12.84
N HIS A 278 -2.48 -1.93 12.23
CA HIS A 278 -3.39 -2.86 12.95
C HIS A 278 -2.63 -3.93 13.73
N PHE A 279 -1.38 -4.13 13.33
CA PHE A 279 -0.54 -5.24 13.83
C PHE A 279 0.66 -4.71 14.58
N ARG A 280 0.87 -5.25 15.78
CA ARG A 280 1.99 -4.82 16.65
C ARG A 280 3.37 -5.06 16.01
N ALA A 281 4.32 -4.14 16.24
CA ALA A 281 5.64 -4.30 15.64
C ALA A 281 6.34 -5.59 16.14
N GLU A 282 5.97 -6.07 17.34
CA GLU A 282 6.45 -7.38 17.80
C GLU A 282 5.99 -8.57 16.93
N PHE A 283 4.85 -8.43 16.25
CA PHE A 283 4.28 -9.44 15.29
C PHE A 283 5.15 -9.37 14.05
N THR A 284 5.99 -10.39 13.83
CA THR A 284 6.89 -10.43 12.69
C THR A 284 6.70 -11.69 11.84
N PRO A 285 5.52 -11.87 11.17
CA PRO A 285 5.40 -13.11 10.37
C PRO A 285 6.37 -13.13 9.18
N SER A 286 7.09 -14.24 9.00
CA SER A 286 7.99 -14.40 7.84
C SER A 286 7.28 -14.80 6.55
N SER A 287 6.05 -15.32 6.67
CA SER A 287 5.16 -15.60 5.53
C SER A 287 3.70 -15.53 5.99
N GLY A 288 2.77 -15.54 5.03
CA GLY A 288 1.34 -15.51 5.35
C GLY A 288 0.54 -16.44 4.44
N ALA A 289 -0.45 -17.13 5.02
CA ALA A 289 -1.34 -18.02 4.30
C ALA A 289 -2.54 -17.21 3.82
N GLU A 290 -2.27 -16.31 2.89
CA GLU A 290 -3.32 -15.44 2.38
C GLU A 290 -3.00 -14.95 0.98
N LEU A 291 -4.05 -14.54 0.26
CA LEU A 291 -3.88 -13.71 -0.94
C LEU A 291 -4.59 -12.37 -0.66
N GLN A 292 -4.25 -11.33 -1.44
CA GLN A 292 -4.90 -10.01 -1.27
C GLN A 292 -5.30 -9.41 -2.61
N SER A 293 -6.41 -8.68 -2.63
CA SER A 293 -6.83 -7.82 -3.77
C SER A 293 -7.36 -6.50 -3.16
N GLU A 294 -7.22 -5.38 -3.89
CA GLU A 294 -7.91 -4.17 -3.41
C GLU A 294 -8.29 -3.31 -4.60
N TYR A 295 -9.47 -2.70 -4.52
CA TYR A 295 -10.02 -1.87 -5.60
C TYR A 295 -10.29 -0.46 -5.06
N LEU A 296 -9.79 0.53 -5.77
CA LEU A 296 -9.83 1.93 -5.33
C LEU A 296 -10.69 2.76 -6.33
N MET A 297 -11.73 3.40 -5.78
CA MET A 297 -12.78 4.00 -6.62
C MET A 297 -13.06 5.43 -6.17
N PRO A 298 -13.69 6.24 -7.06
CA PRO A 298 -14.11 7.57 -6.62
C PRO A 298 -14.98 7.46 -5.34
N ARG A 299 -14.72 8.31 -4.35
CA ARG A 299 -15.43 8.22 -3.03
C ARG A 299 -16.96 8.29 -3.16
N GLU A 300 -17.42 9.05 -4.16
CA GLU A 300 -18.86 9.19 -4.40
C GLU A 300 -19.59 7.88 -4.72
N HIS A 301 -18.83 6.88 -5.22
CA HIS A 301 -19.38 5.55 -5.55
C HIS A 301 -19.40 4.56 -4.35
N ALA A 302 -18.98 5.02 -3.15
CA ALA A 302 -18.87 4.11 -1.99
C ALA A 302 -20.15 3.25 -1.76
N LEU A 303 -21.30 3.91 -1.61
CA LEU A 303 -22.52 3.14 -1.27
C LEU A 303 -22.94 2.17 -2.37
N ALA A 304 -22.86 2.64 -3.62
CA ALA A 304 -23.22 1.79 -4.75
C ALA A 304 -22.28 0.56 -4.81
N ALA A 305 -21.00 0.80 -4.56
CA ALA A 305 -20.01 -0.31 -4.56
C ALA A 305 -20.27 -1.34 -3.44
N LEU A 306 -20.57 -0.83 -2.25
CA LEU A 306 -20.83 -1.67 -1.07
C LEU A 306 -22.08 -2.53 -1.37
N HIS A 307 -23.08 -1.92 -2.01
CA HIS A 307 -24.30 -2.72 -2.33
C HIS A 307 -24.06 -3.78 -3.43
N ALA A 308 -23.21 -3.47 -4.38
CA ALA A 308 -22.80 -4.46 -5.39
C ALA A 308 -22.07 -5.67 -4.76
N MET A 309 -21.20 -5.39 -3.77
CA MET A 309 -20.53 -6.48 -3.03
C MET A 309 -21.53 -7.29 -2.21
N ASP A 310 -22.44 -6.58 -1.52
CA ASP A 310 -23.46 -7.26 -0.74
C ASP A 310 -24.29 -8.23 -1.60
N ALA A 311 -24.61 -7.85 -2.83
CA ALA A 311 -25.47 -8.69 -3.70
C ALA A 311 -24.82 -9.99 -4.16
N ILE A 312 -23.49 -10.00 -4.18
CA ILE A 312 -22.73 -11.20 -4.55
C ILE A 312 -22.00 -11.80 -3.34
N ARG A 313 -22.45 -11.43 -2.14
CA ARG A 313 -21.73 -11.87 -0.92
C ARG A 313 -21.60 -13.40 -0.78
N GLU A 314 -22.58 -14.15 -1.28
CA GLU A 314 -22.51 -15.62 -1.24
C GLU A 314 -21.36 -16.24 -2.06
N THR A 315 -20.94 -15.51 -3.10
CA THR A 315 -19.77 -15.86 -3.93
C THR A 315 -18.47 -15.44 -3.21
N LEU A 316 -18.46 -14.24 -2.63
CA LEU A 316 -17.27 -13.74 -1.91
C LEU A 316 -16.92 -14.53 -0.65
N ALA A 317 -17.93 -14.77 0.20
CA ALA A 317 -17.69 -15.25 1.56
C ALA A 317 -16.85 -16.54 1.69
N PRO A 318 -17.11 -17.58 0.87
CA PRO A 318 -16.40 -18.87 1.05
C PRO A 318 -14.88 -18.81 0.88
N VAL A 319 -14.38 -17.81 0.15
CA VAL A 319 -12.93 -17.71 -0.13
C VAL A 319 -12.31 -16.48 0.59
N LEU A 320 -13.10 -15.86 1.48
CA LEU A 320 -12.70 -14.61 2.15
C LEU A 320 -12.32 -14.82 3.62
N GLN A 321 -11.22 -14.18 4.04
CA GLN A 321 -10.84 -14.10 5.44
C GLN A 321 -11.43 -12.80 6.01
N THR A 322 -11.07 -11.64 5.41
CA THR A 322 -11.75 -10.41 5.81
C THR A 322 -11.73 -9.38 4.68
N CYS A 323 -12.70 -8.46 4.68
CA CYS A 323 -12.77 -7.32 3.72
C CYS A 323 -12.65 -6.02 4.54
N GLU A 324 -11.76 -5.12 4.11
CA GLU A 324 -11.54 -3.84 4.83
C GLU A 324 -11.89 -2.65 3.91
N ILE A 325 -12.72 -1.73 4.42
CA ILE A 325 -13.10 -0.52 3.66
C ILE A 325 -12.37 0.69 4.29
N ARG A 326 -11.73 1.49 3.44
CA ARG A 326 -10.91 2.66 3.84
C ARG A 326 -11.16 3.83 2.92
N THR A 327 -10.61 4.99 3.29
CA THR A 327 -10.63 6.19 2.42
C THR A 327 -9.22 6.73 2.20
N VAL A 328 -9.02 7.41 1.07
CA VAL A 328 -7.71 7.99 0.74
C VAL A 328 -7.96 9.36 0.07
N ALA A 329 -7.15 10.37 0.43
CA ALA A 329 -7.27 11.70 -0.23
C ALA A 329 -6.65 11.63 -1.61
N ALA A 330 -7.15 12.42 -2.57
CA ALA A 330 -6.57 12.52 -3.95
C ALA A 330 -5.05 12.64 -3.96
N ASP A 331 -4.42 11.87 -4.85
CA ASP A 331 -2.95 11.74 -4.95
C ASP A 331 -2.48 12.45 -6.23
N ALA A 332 -1.29 13.08 -6.14
CA ALA A 332 -0.68 13.71 -7.33
C ALA A 332 0.03 12.72 -8.25
N GLN A 333 0.44 11.57 -7.70
CA GLN A 333 1.21 10.60 -8.49
C GLN A 333 0.37 9.99 -9.62
N TRP A 334 0.91 10.03 -10.85
CA TRP A 334 0.20 9.56 -12.07
C TRP A 334 -0.31 8.11 -11.98
N LEU A 335 0.48 7.21 -11.38
CA LEU A 335 0.09 5.81 -11.26
C LEU A 335 -0.53 5.45 -9.92
N SER A 336 -0.74 6.43 -9.03
CA SER A 336 -1.46 6.09 -7.78
C SER A 336 -2.88 5.62 -8.12
N PRO A 337 -3.33 4.46 -7.54
CA PRO A 337 -4.79 4.17 -7.68
C PRO A 337 -5.68 5.31 -7.14
N ALA A 338 -5.16 6.17 -6.25
CA ALA A 338 -5.91 7.33 -5.72
C ALA A 338 -5.63 8.61 -6.53
N TYR A 339 -5.06 8.47 -7.74
CA TYR A 339 -4.70 9.63 -8.56
C TYR A 339 -5.92 10.52 -8.81
N GLY A 340 -5.73 11.81 -8.49
CA GLY A 340 -6.63 12.89 -8.88
C GLY A 340 -8.05 12.88 -8.36
N ARG A 341 -8.39 11.97 -7.44
CA ARG A 341 -9.76 11.89 -6.94
C ARG A 341 -9.79 11.38 -5.51
N ASP A 342 -10.57 12.04 -4.65
CA ASP A 342 -10.81 11.48 -3.32
C ASP A 342 -11.44 10.08 -3.51
N THR A 343 -10.99 9.14 -2.68
CA THR A 343 -11.12 7.70 -2.97
C THR A 343 -11.72 6.90 -1.81
N VAL A 344 -12.53 5.88 -2.17
CA VAL A 344 -12.87 4.77 -1.26
C VAL A 344 -12.13 3.48 -1.71
N ALA A 345 -11.57 2.74 -0.76
CA ALA A 345 -10.79 1.52 -1.07
C ALA A 345 -11.55 0.31 -0.49
N ALA A 346 -11.66 -0.78 -1.27
CA ALA A 346 -12.28 -2.03 -0.80
C ALA A 346 -11.24 -3.15 -1.00
N HIS A 347 -10.70 -3.57 0.15
CA HIS A 347 -9.63 -4.55 0.22
C HIS A 347 -10.18 -5.93 0.61
N PHE A 348 -9.61 -6.97 0.00
CA PHE A 348 -10.01 -8.36 0.30
C PHE A 348 -8.77 -9.18 0.68
N THR A 349 -8.78 -9.72 1.90
CA THR A 349 -7.79 -10.76 2.27
C THR A 349 -8.46 -12.11 2.06
N TRP A 350 -7.96 -12.83 1.06
CA TRP A 350 -8.54 -14.12 0.63
C TRP A 350 -7.84 -15.30 1.34
N VAL A 351 -8.47 -16.50 1.29
CA VAL A 351 -7.76 -17.75 1.57
C VAL A 351 -6.59 -17.94 0.58
N GLU A 352 -5.68 -18.87 0.89
CA GLU A 352 -4.50 -19.04 0.05
C GLU A 352 -4.73 -19.72 -1.33
N ASP A 353 -5.88 -20.34 -1.53
CA ASP A 353 -6.13 -21.21 -2.69
C ASP A 353 -6.38 -20.44 -4.01
N THR A 354 -5.32 -20.22 -4.80
CA THR A 354 -5.41 -19.47 -6.08
C THR A 354 -6.53 -19.97 -7.02
N ALA A 355 -6.61 -21.29 -7.22
CA ALA A 355 -7.66 -21.86 -8.06
C ALA A 355 -9.10 -21.55 -7.63
N ALA A 356 -9.35 -21.49 -6.31
CA ALA A 356 -10.68 -21.14 -5.77
C ALA A 356 -10.92 -19.61 -5.86
N VAL A 357 -9.82 -18.86 -5.69
CA VAL A 357 -9.90 -17.39 -5.56
C VAL A 357 -10.08 -16.65 -6.90
N LEU A 358 -9.29 -17.02 -7.92
CA LEU A 358 -9.37 -16.29 -9.20
C LEU A 358 -10.75 -16.13 -9.84
N PRO A 359 -11.56 -17.21 -9.90
CA PRO A 359 -12.93 -17.04 -10.44
C PRO A 359 -13.77 -16.01 -9.65
N VAL A 360 -13.58 -15.95 -8.34
CA VAL A 360 -14.26 -14.98 -7.47
C VAL A 360 -13.75 -13.54 -7.74
N VAL A 361 -12.42 -13.39 -7.85
CA VAL A 361 -11.84 -12.09 -8.28
C VAL A 361 -12.46 -11.57 -9.60
N ARG A 362 -12.58 -12.46 -10.60
CA ARG A 362 -13.20 -12.08 -11.89
C ARG A 362 -14.63 -11.58 -11.68
N ARG A 363 -15.42 -12.31 -10.89
CA ARG A 363 -16.82 -11.91 -10.61
C ARG A 363 -16.90 -10.55 -9.90
N LEU A 364 -16.02 -10.37 -8.90
CA LEU A 364 -15.93 -9.10 -8.18
C LEU A 364 -15.60 -7.94 -9.10
N GLU A 365 -14.59 -8.15 -9.95
CA GLU A 365 -14.28 -7.11 -10.95
C GLU A 365 -15.46 -6.79 -11.87
N GLU A 366 -16.24 -7.79 -12.24
CA GLU A 366 -17.47 -7.55 -13.06
C GLU A 366 -18.45 -6.62 -12.33
N ALA A 367 -18.65 -6.85 -11.03
CA ALA A 367 -19.55 -6.05 -10.19
C ALA A 367 -19.09 -4.60 -9.98
N LEU A 368 -17.77 -4.36 -10.05
CA LEU A 368 -17.22 -3.01 -9.81
C LEU A 368 -16.91 -2.18 -11.05
N VAL A 369 -17.08 -2.78 -12.26
CA VAL A 369 -16.76 -2.05 -13.51
C VAL A 369 -17.45 -0.70 -13.71
N PRO A 370 -18.74 -0.56 -13.30
CA PRO A 370 -19.31 0.81 -13.52
C PRO A 370 -18.74 1.87 -12.58
N PHE A 371 -17.90 1.46 -11.62
CA PHE A 371 -17.38 2.39 -10.61
C PHE A 371 -15.92 2.84 -10.84
N ALA A 372 -15.37 2.56 -12.02
CA ALA A 372 -14.01 3.03 -12.41
C ALA A 372 -12.95 2.53 -11.43
N ALA A 373 -13.09 1.28 -11.03
CA ALA A 373 -12.27 0.64 -9.97
C ALA A 373 -10.87 0.36 -10.49
N ARG A 374 -9.87 0.97 -9.82
CA ARG A 374 -8.48 0.70 -10.12
C ARG A 374 -7.92 -0.31 -9.10
N PRO A 375 -7.31 -1.39 -9.58
CA PRO A 375 -6.70 -2.36 -8.64
C PRO A 375 -5.36 -1.87 -8.07
N HIS A 376 -5.08 -2.26 -6.83
CA HIS A 376 -3.80 -1.97 -6.19
C HIS A 376 -2.73 -2.77 -6.94
N TRP A 377 -1.69 -2.05 -7.41
CA TRP A 377 -0.65 -2.64 -8.27
C TRP A 377 0.09 -3.80 -7.59
N GLY A 378 0.11 -3.80 -6.25
CA GLY A 378 0.89 -4.84 -5.54
C GLY A 378 0.06 -6.10 -5.17
N LYS A 379 -1.23 -6.08 -5.52
CA LYS A 379 -2.15 -7.14 -5.12
C LYS A 379 -2.67 -7.93 -6.35
N VAL A 380 -3.43 -9.00 -6.10
CA VAL A 380 -4.01 -9.84 -7.16
C VAL A 380 -5.15 -9.10 -7.89
N PHE A 381 -5.11 -9.14 -9.22
CA PHE A 381 -6.19 -8.58 -10.05
C PHE A 381 -6.17 -9.24 -11.43
N THR A 382 -7.31 -9.20 -12.15
CA THR A 382 -7.37 -9.83 -13.47
C THR A 382 -7.90 -8.85 -14.54
N VAL A 383 -8.02 -7.57 -14.18
CA VAL A 383 -8.45 -6.51 -15.10
C VAL A 383 -7.52 -6.54 -16.34
N PRO A 384 -8.10 -6.64 -17.56
CA PRO A 384 -7.25 -6.72 -18.77
C PRO A 384 -6.46 -5.43 -18.99
N ALA A 385 -5.29 -5.58 -19.61
CA ALA A 385 -4.37 -4.45 -19.80
C ALA A 385 -5.01 -3.23 -20.49
N GLY A 386 -5.77 -3.46 -21.57
CA GLY A 386 -6.37 -2.34 -22.30
C GLY A 386 -7.31 -1.52 -21.42
N GLU A 387 -8.13 -2.23 -20.64
CA GLU A 387 -9.02 -1.63 -19.63
C GLU A 387 -8.24 -0.86 -18.58
N LEU A 388 -7.17 -1.50 -18.10
CA LEU A 388 -6.34 -0.94 -17.07
C LEU A 388 -5.76 0.39 -17.55
N ARG A 389 -5.15 0.38 -18.73
CA ARG A 389 -4.60 1.63 -19.28
C ARG A 389 -5.62 2.75 -19.35
N ALA A 390 -6.87 2.44 -19.73
CA ALA A 390 -7.96 3.41 -19.80
C ALA A 390 -8.37 4.07 -18.47
N LEU A 391 -8.07 3.42 -17.34
CA LEU A 391 -8.44 3.94 -16.01
C LEU A 391 -7.51 5.03 -15.48
N TYR A 392 -6.37 5.23 -16.14
CA TYR A 392 -5.35 6.15 -15.64
C TYR A 392 -5.10 7.29 -16.66
N PRO A 393 -5.67 8.48 -16.41
CA PRO A 393 -5.50 9.62 -17.33
C PRO A 393 -4.05 9.97 -17.68
N ARG A 394 -3.09 9.75 -16.76
CA ARG A 394 -1.70 10.17 -16.97
C ARG A 394 -0.74 9.00 -17.24
N LEU A 395 -1.30 7.82 -17.53
CA LEU A 395 -0.48 6.63 -17.82
C LEU A 395 0.45 6.85 -19.01
N ALA A 396 -0.07 7.50 -20.06
CA ALA A 396 0.76 7.94 -21.21
C ALA A 396 2.00 8.75 -20.81
N ASP A 397 1.83 9.70 -19.89
CA ASP A 397 2.91 10.56 -19.42
C ASP A 397 3.97 9.77 -18.65
N PHE A 398 3.49 8.79 -17.87
CA PHE A 398 4.43 7.87 -17.23
C PHE A 398 5.25 7.07 -18.28
N GLY A 399 4.56 6.55 -19.30
CA GLY A 399 5.21 5.83 -20.40
C GLY A 399 6.35 6.62 -21.04
N ALA A 400 6.10 7.89 -21.31
CA ALA A 400 7.13 8.78 -21.88
C ALA A 400 8.32 9.00 -20.92
N LEU A 401 8.03 9.15 -19.61
CA LEU A 401 9.08 9.34 -18.62
C LEU A 401 9.98 8.08 -18.55
N ALA A 402 9.34 6.88 -18.53
CA ALA A 402 10.11 5.61 -18.55
C ALA A 402 11.01 5.49 -19.81
N GLY A 403 10.45 5.85 -20.97
CA GLY A 403 11.18 5.77 -22.26
C GLY A 403 12.35 6.75 -22.25
N ALA A 404 12.18 7.88 -21.56
CA ALA A 404 13.24 8.86 -21.46
C ALA A 404 14.35 8.42 -20.51
N LEU A 405 14.00 7.91 -19.33
CA LEU A 405 14.99 7.51 -18.33
C LEU A 405 15.60 6.13 -18.57
N ASP A 406 14.86 5.26 -19.27
CA ASP A 406 15.27 3.87 -19.50
C ASP A 406 14.88 3.45 -20.93
N PRO A 407 15.56 4.01 -21.95
CA PRO A 407 15.10 3.74 -23.33
C PRO A 407 15.20 2.28 -23.80
N ALA A 408 16.10 1.48 -23.20
CA ALA A 408 16.21 0.06 -23.54
C ALA A 408 15.31 -0.85 -22.67
N GLY A 409 14.57 -0.25 -21.73
CA GLY A 409 13.68 -1.04 -20.87
C GLY A 409 14.41 -2.01 -19.94
N LYS A 410 15.56 -1.58 -19.44
CA LYS A 410 16.30 -2.39 -18.47
C LYS A 410 15.41 -2.78 -17.24
N PHE A 411 14.61 -1.83 -16.76
CA PHE A 411 13.79 -2.02 -15.57
C PHE A 411 12.33 -2.43 -15.88
N THR A 412 12.09 -2.87 -17.13
CA THR A 412 10.78 -3.38 -17.54
C THR A 412 10.78 -4.92 -17.55
N ASN A 413 9.79 -5.57 -16.91
CA ASN A 413 9.59 -7.01 -17.01
C ASN A 413 8.26 -7.28 -17.70
N ALA A 414 7.82 -8.54 -17.71
CA ALA A 414 6.55 -8.89 -18.36
C ALA A 414 5.35 -8.11 -17.79
N PHE A 415 5.33 -7.95 -16.46
CA PHE A 415 4.28 -7.19 -15.74
C PHE A 415 4.19 -5.76 -16.21
N VAL A 416 5.31 -5.03 -16.17
CA VAL A 416 5.32 -3.63 -16.59
C VAL A 416 5.06 -3.51 -18.10
N ARG A 417 5.64 -4.39 -18.90
CA ARG A 417 5.43 -4.36 -20.35
C ARG A 417 3.93 -4.52 -20.71
N GLY A 418 3.26 -5.46 -20.04
CA GLY A 418 1.83 -5.73 -20.23
C GLY A 418 0.99 -4.51 -19.90
N VAL A 419 1.33 -3.87 -18.78
CA VAL A 419 0.69 -2.62 -18.34
C VAL A 419 0.84 -1.52 -19.40
N LEU A 420 2.08 -1.24 -19.81
CA LEU A 420 2.32 -0.12 -20.73
C LEU A 420 1.97 -0.41 -22.22
N ALA A 421 2.24 -1.63 -22.70
CA ALA A 421 2.13 -1.96 -24.15
C ALA A 421 0.75 -2.45 -24.65
N GLY A 422 0.12 -3.48 -24.03
CA GLY A 422 0.78 -4.65 -23.47
C GLY A 422 -0.29 -5.76 -23.33
#